data_3SWH
#
_entry.id   3SWH
#
_cell.length_a   160.791
_cell.length_b   160.791
_cell.length_c   42.239
_cell.angle_alpha   90.000
_cell.angle_beta   90.000
_cell.angle_gamma   90.000
#
_symmetry.space_group_name_H-M   'P 42'
#
loop_
_entity.id
_entity.type
_entity.pdbx_description
1 polymer 'Protein unc-13 homolog A'
2 water water
#
_entity_poly.entity_id   1
_entity_poly.type   'polypeptide(L)'
_entity_poly.pdbx_seq_one_letter_code
;KDRVPEYPAWFEPFVIQWLDENEEVSRDFLHGALERDKKDGFQQTSEHALFSCSVVDVFSQLNQSFEIIKKLECPDPQIV
GHYMRRFAKTISNVLLQYADIVSKDFASYCSKEKEKVPCILMNNTQQLRVQLEKMFEAMGGKELDAEASGTLKELQVKLN
NVLDELSHVFATSFQPHIEECVRQMGDILSQVKGTGNVPASACSSVAQDADNVLQPIMDLLDSNLTLFAKICEKTVLKRV
LKELWKLVMNTMERTIVLPPEFSKLKDHMVREEAKSLTPKQCAVVELALDTIKQYFHAGGVGLKKTFLEKSPDLQSLRYA
LSLYTQATDLLIKTFVQTQSA
;
_entity_poly.pdbx_strand_id   A,B
#
# COMPACT_ATOMS: atom_id res chain seq x y z
N ALA A 9 -54.20 -16.35 2.34
CA ALA A 9 -55.45 -15.68 2.73
C ALA A 9 -55.49 -15.41 4.23
N TRP A 10 -56.28 -16.18 4.96
CA TRP A 10 -56.35 -16.03 6.40
C TRP A 10 -55.47 -17.08 7.07
N PHE A 11 -54.69 -17.78 6.25
CA PHE A 11 -53.66 -18.65 6.78
C PHE A 11 -52.58 -17.75 7.37
N GLU A 12 -52.44 -16.56 6.79
CA GLU A 12 -51.39 -15.61 7.13
C GLU A 12 -51.25 -15.34 8.63
N PRO A 13 -52.36 -14.97 9.31
CA PRO A 13 -52.36 -14.70 10.75
C PRO A 13 -52.08 -15.90 11.65
N PHE A 14 -52.36 -17.11 11.17
CA PHE A 14 -51.93 -18.29 11.91
C PHE A 14 -50.41 -18.28 11.89
N VAL A 15 -49.85 -18.23 10.69
CA VAL A 15 -48.41 -18.34 10.49
C VAL A 15 -47.67 -17.28 11.27
N ILE A 16 -48.11 -16.03 11.16
CA ILE A 16 -47.52 -14.95 11.95
C ILE A 16 -47.38 -15.27 13.43
N GLN A 17 -48.24 -16.14 13.95
CA GLN A 17 -48.12 -16.55 15.34
C GLN A 17 -46.92 -17.47 15.47
N TRP A 18 -46.80 -18.41 14.55
CA TRP A 18 -45.63 -19.30 14.49
C TRP A 18 -44.37 -18.45 14.52
N LEU A 19 -44.36 -17.41 13.69
CA LEU A 19 -43.28 -16.45 13.62
C LEU A 19 -42.98 -15.76 14.94
N ASP A 20 -44.02 -15.49 15.72
CA ASP A 20 -43.86 -14.83 17.00
C ASP A 20 -43.20 -15.77 17.97
N GLU A 21 -43.46 -17.05 17.78
CA GLU A 21 -42.96 -18.08 18.70
C GLU A 21 -41.55 -18.36 18.31
N ASN A 22 -41.37 -18.50 17.01
CA ASN A 22 -40.05 -18.72 16.44
C ASN A 22 -39.04 -17.72 17.00
N GLU A 23 -39.35 -16.43 16.93
CA GLU A 23 -38.49 -15.46 17.59
C GLU A 23 -38.17 -15.95 19.01
N GLU A 24 -39.22 -16.25 19.77
CA GLU A 24 -39.07 -16.73 21.16
C GLU A 24 -38.25 -18.03 21.24
N VAL A 25 -38.62 -19.01 20.45
CA VAL A 25 -37.82 -20.23 20.33
C VAL A 25 -36.36 -19.89 19.95
N SER A 26 -36.18 -19.28 18.79
CA SER A 26 -34.87 -18.87 18.38
C SER A 26 -34.17 -18.18 19.55
N ARG A 27 -34.81 -17.15 20.08
CA ARG A 27 -34.22 -16.32 21.12
C ARG A 27 -33.76 -17.12 22.33
N ASP A 28 -34.40 -18.25 22.56
CA ASP A 28 -34.03 -19.12 23.67
C ASP A 28 -32.89 -20.04 23.25
N PHE A 29 -32.92 -20.48 22.01
CA PHE A 29 -31.85 -21.32 21.50
C PHE A 29 -30.47 -20.61 21.58
N LEU A 30 -30.43 -19.34 21.17
CA LEU A 30 -29.19 -18.56 21.23
C LEU A 30 -28.55 -18.58 22.61
N HIS A 31 -29.35 -18.36 23.66
CA HIS A 31 -28.83 -18.40 25.02
C HIS A 31 -28.10 -19.70 25.32
N GLY A 32 -28.65 -20.80 24.81
CA GLY A 32 -28.11 -22.11 25.09
C GLY A 32 -26.95 -22.44 24.17
N ALA A 33 -26.98 -21.87 22.97
CA ALA A 33 -25.82 -21.96 22.08
C ALA A 33 -24.63 -21.25 22.70
N LEU A 34 -24.83 -19.99 23.08
CA LEU A 34 -23.79 -19.19 23.70
C LEU A 34 -23.35 -19.79 25.00
N GLU A 35 -24.33 -20.21 25.79
CA GLU A 35 -24.05 -20.66 27.14
C GLU A 35 -23.31 -21.99 27.09
N ARG A 36 -23.74 -22.85 26.19
CA ARG A 36 -23.01 -24.08 25.89
C ARG A 36 -21.55 -23.73 25.54
N ASP A 37 -21.38 -22.74 24.67
CA ASP A 37 -20.06 -22.38 24.15
C ASP A 37 -19.21 -21.64 25.16
N LYS A 38 -19.83 -20.76 25.95
CA LYS A 38 -19.07 -20.02 26.93
C LYS A 38 -18.40 -20.96 27.91
N LYS A 39 -19.18 -21.89 28.47
CA LYS A 39 -18.65 -22.88 29.41
C LYS A 39 -17.48 -23.65 28.80
N ASP A 40 -17.52 -23.85 27.50
CA ASP A 40 -16.51 -24.64 26.81
C ASP A 40 -15.21 -23.88 26.50
N GLY A 41 -15.23 -22.56 26.67
CA GLY A 41 -14.04 -21.75 26.51
C GLY A 41 -13.85 -21.20 25.10
N PHE A 42 -14.94 -21.07 24.36
CA PHE A 42 -14.90 -20.48 23.03
C PHE A 42 -13.72 -20.92 22.16
N GLN A 43 -13.61 -22.23 21.95
CA GLN A 43 -12.62 -22.81 21.04
C GLN A 43 -12.98 -22.42 19.63
N GLN A 44 -12.00 -21.95 18.87
CA GLN A 44 -12.21 -21.75 17.45
C GLN A 44 -12.47 -23.15 16.90
N THR A 45 -13.30 -23.25 15.89
CA THR A 45 -13.76 -24.56 15.43
C THR A 45 -12.60 -25.45 15.00
N SER A 46 -11.77 -24.92 14.11
CA SER A 46 -10.61 -25.65 13.64
C SER A 46 -9.41 -24.72 13.67
N GLU A 47 -8.49 -24.94 12.72
CA GLU A 47 -7.38 -24.03 12.49
C GLU A 47 -7.75 -23.06 11.37
N HIS A 48 -8.83 -23.38 10.65
CA HIS A 48 -9.29 -22.54 9.55
C HIS A 48 -10.73 -22.05 9.70
N ALA A 49 -11.52 -22.76 10.51
CA ALA A 49 -12.85 -22.26 10.94
C ALA A 49 -12.66 -21.41 12.20
N LEU A 50 -12.48 -20.12 11.99
CA LEU A 50 -11.93 -19.25 13.02
C LEU A 50 -12.99 -18.81 14.01
N PHE A 51 -14.19 -19.34 13.81
CA PHE A 51 -15.33 -19.05 14.66
C PHE A 51 -15.68 -20.29 15.45
N SER A 52 -16.29 -20.11 16.61
CA SER A 52 -16.57 -21.20 17.53
C SER A 52 -18.02 -21.67 17.39
N CYS A 53 -18.43 -22.65 18.21
CA CYS A 53 -19.69 -23.39 17.97
C CYS A 53 -20.97 -22.56 18.13
N SER A 54 -20.98 -21.69 19.15
CA SER A 54 -22.11 -20.78 19.34
C SER A 54 -22.64 -20.23 18.00
N VAL A 55 -21.72 -19.98 17.06
CA VAL A 55 -22.07 -19.40 15.73
C VAL A 55 -22.57 -20.43 14.73
N VAL A 56 -22.30 -21.70 14.97
CA VAL A 56 -22.82 -22.71 14.05
C VAL A 56 -24.25 -23.03 14.43
N ASP A 57 -24.43 -23.27 15.72
CA ASP A 57 -25.74 -23.50 16.27
C ASP A 57 -26.74 -22.41 15.83
N VAL A 58 -26.45 -21.15 16.16
CA VAL A 58 -27.47 -20.11 15.95
C VAL A 58 -27.91 -19.98 14.50
N PHE A 59 -27.01 -20.21 13.57
CA PHE A 59 -27.38 -20.02 12.18
C PHE A 59 -28.08 -21.24 11.61
N SER A 60 -27.65 -22.44 12.01
CA SER A 60 -28.29 -23.64 11.51
C SER A 60 -29.75 -23.61 11.95
N GLN A 61 -30.00 -23.14 13.17
CA GLN A 61 -31.35 -22.92 13.68
C GLN A 61 -32.10 -21.89 12.84
N LEU A 62 -31.52 -20.71 12.68
CA LEU A 62 -32.15 -19.62 11.93
C LEU A 62 -32.40 -20.02 10.49
N ASN A 63 -31.63 -20.99 10.02
CA ASN A 63 -31.70 -21.43 8.63
C ASN A 63 -32.71 -22.56 8.52
N GLN A 64 -32.75 -23.38 9.55
CA GLN A 64 -33.86 -24.30 9.73
C GLN A 64 -35.13 -23.49 9.66
N SER A 65 -35.27 -22.52 10.57
CA SER A 65 -36.47 -21.70 10.60
C SER A 65 -36.86 -21.30 9.19
N PHE A 66 -35.95 -20.63 8.50
CA PHE A 66 -36.22 -20.16 7.14
C PHE A 66 -36.59 -21.28 6.17
N GLU A 67 -35.83 -22.38 6.23
CA GLU A 67 -36.11 -23.53 5.41
C GLU A 67 -37.59 -23.87 5.49
N ILE A 68 -38.09 -23.97 6.72
CA ILE A 68 -39.47 -24.35 6.99
C ILE A 68 -40.46 -23.29 6.51
N ILE A 69 -40.09 -22.03 6.65
CA ILE A 69 -40.94 -20.94 6.18
C ILE A 69 -41.10 -21.03 4.67
N LYS A 70 -39.99 -21.35 3.99
CA LYS A 70 -40.00 -21.52 2.54
C LYS A 70 -40.87 -22.72 2.19
N LYS A 71 -40.54 -23.88 2.76
CA LYS A 71 -41.34 -25.09 2.58
C LYS A 71 -42.82 -24.76 2.72
N LEU A 72 -43.10 -23.68 3.44
CA LEU A 72 -44.44 -23.11 3.48
C LEU A 72 -44.68 -22.37 2.18
N GLU A 73 -44.62 -23.11 1.07
CA GLU A 73 -44.82 -22.55 -0.25
C GLU A 73 -46.07 -21.69 -0.24
N CYS A 74 -45.98 -20.52 -0.85
CA CYS A 74 -47.10 -19.59 -0.81
C CYS A 74 -47.11 -18.71 -2.05
N PRO A 75 -48.27 -18.64 -2.71
CA PRO A 75 -48.46 -17.93 -3.98
C PRO A 75 -48.45 -16.41 -3.84
N ASP A 76 -49.28 -15.88 -2.94
CA ASP A 76 -49.41 -14.44 -2.76
C ASP A 76 -48.12 -13.88 -2.18
N PRO A 77 -47.37 -13.09 -2.98
CA PRO A 77 -46.09 -12.49 -2.58
C PRO A 77 -46.31 -11.28 -1.68
N GLN A 78 -47.56 -10.95 -1.42
CA GLN A 78 -47.90 -9.97 -0.39
C GLN A 78 -48.04 -10.68 0.96
N ILE A 79 -48.26 -11.99 0.92
CA ILE A 79 -48.23 -12.82 2.12
C ILE A 79 -46.78 -13.17 2.42
N VAL A 80 -46.07 -13.64 1.38
CA VAL A 80 -44.64 -13.97 1.46
C VAL A 80 -43.84 -12.79 1.98
N GLY A 81 -44.07 -11.63 1.37
CA GLY A 81 -43.42 -10.41 1.79
C GLY A 81 -43.60 -10.16 3.27
N HIS A 82 -44.83 -10.38 3.75
CA HIS A 82 -45.12 -10.13 5.14
C HIS A 82 -44.42 -11.12 6.09
N TYR A 83 -44.35 -12.41 5.70
CA TYR A 83 -43.62 -13.39 6.50
C TYR A 83 -42.17 -12.92 6.68
N MET A 84 -41.48 -12.66 5.58
CA MET A 84 -40.10 -12.15 5.64
C MET A 84 -39.96 -10.88 6.49
N ARG A 85 -40.82 -9.91 6.24
CA ARG A 85 -40.92 -8.72 7.10
C ARG A 85 -40.96 -9.05 8.61
N ARG A 86 -41.69 -10.10 9.00
CA ARG A 86 -41.74 -10.51 10.39
C ARG A 86 -40.49 -11.29 10.80
N PHE A 87 -40.11 -12.26 9.97
CA PHE A 87 -38.87 -13.01 10.16
C PHE A 87 -37.65 -12.10 10.37
N ALA A 88 -37.41 -11.19 9.42
CA ALA A 88 -36.34 -10.20 9.56
C ALA A 88 -36.14 -9.75 10.99
N LYS A 89 -37.23 -9.30 11.62
CA LYS A 89 -37.19 -8.88 13.01
C LYS A 89 -36.56 -9.96 13.87
N THR A 90 -36.90 -11.21 13.59
CA THR A 90 -36.36 -12.31 14.38
C THR A 90 -34.83 -12.29 14.28
N ILE A 91 -34.34 -12.38 13.04
CA ILE A 91 -32.91 -12.35 12.80
C ILE A 91 -32.27 -11.15 13.48
N SER A 92 -32.78 -9.97 13.18
CA SER A 92 -32.21 -8.77 13.77
C SER A 92 -32.03 -8.86 15.27
N ASN A 93 -33.02 -9.42 15.95
CA ASN A 93 -33.00 -9.46 17.41
C ASN A 93 -32.11 -10.57 17.96
N VAL A 94 -32.01 -11.67 17.24
CA VAL A 94 -31.19 -12.77 17.70
C VAL A 94 -29.73 -12.34 17.59
N LEU A 95 -29.33 -12.03 16.36
CA LEU A 95 -28.02 -11.47 16.12
C LEU A 95 -27.72 -10.27 17.03
N LEU A 96 -28.69 -9.38 17.18
CA LEU A 96 -28.48 -8.19 18.00
C LEU A 96 -28.27 -8.60 19.44
N GLN A 97 -28.80 -9.76 19.81
CA GLN A 97 -28.66 -10.20 21.19
C GLN A 97 -27.41 -11.04 21.33
N TYR A 98 -27.05 -11.75 20.27
CA TYR A 98 -25.71 -12.35 20.20
C TYR A 98 -24.69 -11.22 20.33
N ALA A 99 -24.86 -10.21 19.49
CA ALA A 99 -24.06 -9.00 19.60
C ALA A 99 -23.86 -8.56 21.06
N ASP A 100 -24.97 -8.42 21.79
CA ASP A 100 -24.97 -7.73 23.07
C ASP A 100 -24.40 -8.56 24.21
N ILE A 101 -24.77 -9.84 24.23
CA ILE A 101 -24.26 -10.74 25.24
C ILE A 101 -22.75 -10.72 25.17
N VAL A 102 -22.23 -11.03 23.97
CA VAL A 102 -20.80 -10.97 23.69
C VAL A 102 -20.14 -9.66 24.13
N SER A 103 -20.67 -8.53 23.70
CA SER A 103 -20.08 -7.26 24.05
C SER A 103 -19.96 -7.10 25.56
N LYS A 104 -20.95 -7.60 26.30
CA LYS A 104 -20.90 -7.46 27.75
C LYS A 104 -19.62 -8.08 28.29
N ASP A 105 -19.55 -9.41 28.27
CA ASP A 105 -18.47 -10.13 28.92
C ASP A 105 -17.11 -9.87 28.31
N PHE A 106 -17.08 -9.14 27.20
CA PHE A 106 -15.86 -8.94 26.42
C PHE A 106 -14.65 -8.38 27.20
N ALA A 107 -14.83 -7.24 27.84
CA ALA A 107 -13.73 -6.64 28.56
C ALA A 107 -13.18 -7.64 29.58
N SER A 108 -14.03 -8.55 30.02
CA SER A 108 -13.67 -9.47 31.10
C SER A 108 -12.81 -10.60 30.60
N TYR A 109 -12.90 -10.86 29.29
CA TYR A 109 -12.16 -11.96 28.70
C TYR A 109 -10.77 -11.51 28.28
N CYS A 110 -10.53 -10.20 28.30
CA CYS A 110 -9.29 -9.63 27.76
C CYS A 110 -8.06 -9.70 28.67
N SER A 111 -7.83 -10.85 29.30
CA SER A 111 -6.56 -11.08 30.00
C SER A 111 -5.64 -11.90 29.09
N LYS A 112 -4.45 -11.38 28.84
CA LYS A 112 -3.48 -12.10 28.01
C LYS A 112 -3.05 -13.37 28.74
N GLU A 113 -3.91 -13.83 29.63
CA GLU A 113 -3.76 -15.10 30.34
C GLU A 113 -4.55 -16.17 29.59
N LYS A 114 -5.64 -15.73 28.97
CA LYS A 114 -6.43 -16.56 28.08
C LYS A 114 -6.87 -15.65 26.93
N GLU A 115 -5.94 -15.41 26.01
CA GLU A 115 -6.08 -14.33 25.06
C GLU A 115 -6.73 -14.71 23.71
N LYS A 116 -6.87 -16.01 23.46
CA LYS A 116 -7.52 -16.43 22.23
C LYS A 116 -8.94 -15.88 22.15
N VAL A 117 -9.69 -16.08 23.24
CA VAL A 117 -11.11 -15.75 23.33
C VAL A 117 -11.55 -14.47 22.62
N PRO A 118 -11.03 -13.31 23.07
CA PRO A 118 -11.40 -12.02 22.49
C PRO A 118 -11.45 -12.08 20.97
N CYS A 119 -10.46 -12.78 20.42
CA CYS A 119 -10.37 -12.83 18.98
C CYS A 119 -11.46 -13.70 18.40
N ILE A 120 -11.67 -14.87 19.00
CA ILE A 120 -12.77 -15.73 18.57
C ILE A 120 -14.11 -15.00 18.68
N LEU A 121 -14.29 -14.25 19.75
CA LEU A 121 -15.48 -13.44 19.79
C LEU A 121 -15.56 -12.49 18.58
N MET A 122 -14.62 -11.56 18.46
CA MET A 122 -14.76 -10.58 17.40
C MET A 122 -15.00 -11.30 16.10
N ASN A 123 -14.24 -12.38 15.94
CA ASN A 123 -14.43 -13.35 14.87
C ASN A 123 -15.88 -13.73 14.65
N ASN A 124 -16.54 -14.12 15.74
CA ASN A 124 -17.94 -14.58 15.68
C ASN A 124 -18.91 -13.50 15.27
N THR A 125 -18.66 -12.30 15.80
CA THR A 125 -19.49 -11.15 15.46
C THR A 125 -19.41 -10.89 13.98
N GLN A 126 -18.23 -11.12 13.39
CA GLN A 126 -18.07 -10.97 11.94
C GLN A 126 -18.73 -12.14 11.20
N GLN A 127 -18.56 -13.34 11.74
CA GLN A 127 -19.22 -14.52 11.16
C GLN A 127 -20.75 -14.34 11.14
N LEU A 128 -21.26 -13.64 12.16
CA LEU A 128 -22.59 -13.04 12.07
C LEU A 128 -22.85 -12.30 10.76
N ARG A 129 -22.22 -11.12 10.62
CA ARG A 129 -22.29 -10.32 9.38
C ARG A 129 -22.24 -11.13 8.10
N VAL A 130 -21.48 -12.22 8.13
CA VAL A 130 -21.30 -13.06 6.95
C VAL A 130 -22.60 -13.80 6.67
N GLN A 131 -22.97 -14.69 7.60
CA GLN A 131 -24.10 -15.58 7.39
C GLN A 131 -25.42 -14.81 7.18
N LEU A 132 -25.57 -13.69 7.90
CA LEU A 132 -26.66 -12.76 7.64
C LEU A 132 -26.74 -12.44 6.14
N GLU A 133 -25.79 -11.67 5.61
CA GLU A 133 -25.79 -11.33 4.18
C GLU A 133 -26.01 -12.57 3.31
N LYS A 134 -25.49 -13.70 3.75
CA LYS A 134 -25.74 -14.99 3.10
C LYS A 134 -27.24 -15.42 3.23
N MET A 135 -27.89 -15.11 4.36
CA MET A 135 -29.34 -15.32 4.53
C MET A 135 -30.13 -14.28 3.74
N PHE A 136 -29.48 -13.16 3.48
CA PHE A 136 -30.12 -12.05 2.80
C PHE A 136 -30.40 -12.43 1.37
N GLU A 137 -29.77 -13.51 0.92
CA GLU A 137 -29.90 -13.97 -0.45
C GLU A 137 -30.91 -15.11 -0.54
N ALA A 138 -31.06 -15.83 0.56
CA ALA A 138 -32.06 -16.88 0.68
C ALA A 138 -33.48 -16.30 0.56
N MET A 139 -33.64 -15.06 1.01
CA MET A 139 -34.95 -14.44 1.07
C MET A 139 -35.27 -13.61 -0.16
N GLY A 140 -34.36 -13.57 -1.12
CA GLY A 140 -34.58 -12.84 -2.36
C GLY A 140 -33.69 -11.62 -2.62
N GLY A 141 -32.75 -11.35 -1.73
CA GLY A 141 -31.85 -10.22 -1.89
C GLY A 141 -32.48 -8.91 -2.36
N LYS A 142 -32.37 -8.64 -3.66
CA LYS A 142 -32.92 -7.41 -4.25
C LYS A 142 -34.44 -7.46 -4.24
N GLU A 143 -34.97 -8.54 -4.78
CA GLU A 143 -36.41 -8.73 -4.88
C GLU A 143 -37.06 -8.76 -3.49
N LEU A 144 -36.27 -9.06 -2.46
CA LEU A 144 -36.79 -9.15 -1.11
C LEU A 144 -37.67 -7.94 -0.78
N ASP A 145 -38.58 -8.12 0.16
CA ASP A 145 -39.48 -7.06 0.57
C ASP A 145 -38.68 -5.85 1.06
N ALA A 146 -39.27 -4.67 0.89
CA ALA A 146 -38.58 -3.41 1.17
C ALA A 146 -38.35 -3.15 2.64
N GLU A 147 -39.42 -3.31 3.43
CA GLU A 147 -39.34 -3.09 4.88
C GLU A 147 -38.40 -4.13 5.49
N ALA A 148 -38.58 -5.38 5.06
CA ALA A 148 -37.78 -6.48 5.56
C ALA A 148 -36.30 -6.18 5.38
N SER A 149 -35.86 -6.03 4.14
CA SER A 149 -34.45 -5.76 3.86
C SER A 149 -33.95 -4.50 4.60
N GLY A 150 -34.69 -3.41 4.49
CA GLY A 150 -34.32 -2.18 5.16
C GLY A 150 -33.81 -2.41 6.57
N THR A 151 -34.54 -3.23 7.33
CA THR A 151 -34.19 -3.51 8.72
C THR A 151 -33.04 -4.51 8.83
N LEU A 152 -32.76 -5.20 7.73
CA LEU A 152 -31.62 -6.10 7.62
C LEU A 152 -30.34 -5.33 7.32
N LYS A 153 -30.41 -4.40 6.37
CA LYS A 153 -29.28 -3.54 6.04
C LYS A 153 -28.89 -2.75 7.29
N GLU A 154 -29.89 -2.42 8.08
CA GLU A 154 -29.66 -1.66 9.30
C GLU A 154 -28.93 -2.56 10.29
N LEU A 155 -29.14 -3.86 10.15
CA LEU A 155 -28.52 -4.82 11.05
C LEU A 155 -27.02 -4.89 10.80
N GLN A 156 -26.64 -5.08 9.54
CA GLN A 156 -25.24 -5.02 9.12
C GLN A 156 -24.55 -3.84 9.77
N VAL A 157 -25.04 -2.65 9.49
CA VAL A 157 -24.44 -1.44 10.05
C VAL A 157 -24.20 -1.54 11.54
N LYS A 158 -25.13 -2.16 12.26
CA LYS A 158 -25.03 -2.24 13.72
C LYS A 158 -24.04 -3.30 14.14
N LEU A 159 -23.84 -4.30 13.29
CA LEU A 159 -22.90 -5.37 13.63
C LEU A 159 -21.51 -4.80 13.48
N ASN A 160 -21.34 -4.08 12.39
CA ASN A 160 -20.12 -3.39 12.08
C ASN A 160 -19.68 -2.57 13.27
N ASN A 161 -20.60 -1.75 13.78
CA ASN A 161 -20.29 -0.92 14.93
C ASN A 161 -19.80 -1.75 16.09
N VAL A 162 -20.35 -2.96 16.22
CA VAL A 162 -20.00 -3.79 17.36
C VAL A 162 -18.58 -4.27 17.18
N LEU A 163 -18.27 -4.66 15.95
CA LEU A 163 -16.94 -5.13 15.64
C LEU A 163 -15.95 -4.01 15.94
N ASP A 164 -16.29 -2.81 15.50
CA ASP A 164 -15.45 -1.65 15.74
C ASP A 164 -15.22 -1.39 17.21
N GLU A 165 -16.25 -1.67 18.00
CA GLU A 165 -16.21 -1.42 19.40
C GLU A 165 -15.38 -2.47 20.15
N LEU A 166 -15.52 -3.74 19.79
CA LEU A 166 -14.71 -4.76 20.45
C LEU A 166 -13.22 -4.56 20.11
N SER A 167 -12.93 -4.23 18.86
CA SER A 167 -11.55 -4.00 18.48
C SER A 167 -10.96 -2.83 19.26
N HIS A 168 -11.72 -1.75 19.36
CA HIS A 168 -11.25 -0.66 20.18
C HIS A 168 -10.98 -1.14 21.60
N VAL A 169 -11.93 -1.88 22.18
CA VAL A 169 -11.80 -2.25 23.57
C VAL A 169 -10.74 -3.30 23.73
N PHE A 170 -10.71 -4.23 22.79
CA PHE A 170 -9.62 -5.18 22.80
C PHE A 170 -8.23 -4.50 22.78
N ALA A 171 -8.02 -3.51 21.90
CA ALA A 171 -6.73 -2.84 21.80
C ALA A 171 -6.45 -2.12 23.08
N THR A 172 -7.48 -1.41 23.50
CA THR A 172 -7.46 -0.67 24.73
C THR A 172 -7.00 -1.57 25.87
N SER A 173 -7.42 -2.82 25.85
CA SER A 173 -6.96 -3.73 26.91
C SER A 173 -5.45 -3.60 27.07
N PHE A 174 -4.76 -3.36 25.96
CA PHE A 174 -3.29 -3.38 25.96
C PHE A 174 -2.66 -2.07 26.43
N GLN A 175 -3.48 -1.05 26.66
CA GLN A 175 -2.95 0.32 26.85
C GLN A 175 -2.04 0.57 28.04
N PRO A 176 -2.38 -0.01 29.19
CA PRO A 176 -1.47 0.19 30.31
C PRO A 176 -0.11 -0.45 29.99
N HIS A 177 -0.16 -1.62 29.37
CA HIS A 177 1.04 -2.36 29.05
C HIS A 177 1.89 -1.56 28.08
N ILE A 178 1.29 -1.11 26.98
CA ILE A 178 2.05 -0.40 25.96
C ILE A 178 2.67 0.86 26.59
N GLU A 179 1.90 1.54 27.43
CA GLU A 179 2.35 2.75 28.13
C GLU A 179 3.61 2.53 28.98
N GLU A 180 3.71 1.36 29.60
CA GLU A 180 4.90 0.95 30.36
C GLU A 180 6.12 0.71 29.46
N CYS A 181 5.90 0.06 28.33
CA CYS A 181 6.97 -0.27 27.41
C CYS A 181 7.48 0.99 26.76
N VAL A 182 6.56 1.78 26.21
CA VAL A 182 6.94 3.00 25.55
C VAL A 182 7.76 3.85 26.53
N ARG A 183 7.47 3.67 27.82
CA ARG A 183 8.30 4.27 28.86
C ARG A 183 9.68 3.70 28.71
N GLN A 184 9.82 2.41 29.04
CA GLN A 184 11.11 1.74 28.92
C GLN A 184 11.85 2.13 27.65
N MET A 185 11.11 2.53 26.61
CA MET A 185 11.73 2.99 25.38
C MET A 185 12.39 4.36 25.55
N GLY A 186 11.59 5.35 25.92
CA GLY A 186 12.06 6.71 26.15
C GLY A 186 13.28 6.79 27.06
N ASP A 187 13.31 5.92 28.07
CA ASP A 187 14.47 5.74 28.94
C ASP A 187 15.71 5.31 28.16
N ILE A 188 15.65 4.10 27.61
CA ILE A 188 16.76 3.57 26.83
C ILE A 188 17.21 4.61 25.82
N LEU A 189 16.26 5.11 25.05
CA LEU A 189 16.53 6.13 24.02
C LEU A 189 17.41 7.25 24.57
N SER A 190 16.90 7.93 25.59
CA SER A 190 17.61 8.96 26.30
C SER A 190 19.11 8.66 26.38
N GLN A 191 19.43 7.46 26.81
CA GLN A 191 20.82 7.06 27.09
C GLN A 191 21.79 7.20 25.90
N VAL A 192 21.24 7.43 24.71
CA VAL A 192 22.04 7.57 23.50
C VAL A 192 22.65 8.96 23.36
N LYS A 193 23.94 9.02 23.03
CA LYS A 193 24.61 10.29 22.74
C LYS A 193 25.76 10.10 21.74
N SER A 205 25.63 3.14 13.94
CA SER A 205 25.06 2.91 15.26
C SER A 205 23.54 3.11 15.24
N VAL A 206 23.14 4.26 14.71
CA VAL A 206 21.73 4.64 14.58
C VAL A 206 20.78 3.47 14.33
N ALA A 207 21.26 2.45 13.63
CA ALA A 207 20.41 1.33 13.26
C ALA A 207 20.37 0.24 14.32
N GLN A 208 21.20 0.37 15.34
CA GLN A 208 21.18 -0.58 16.45
C GLN A 208 20.51 0.06 17.66
N ASP A 209 20.74 1.37 17.83
CA ASP A 209 20.04 2.11 18.86
C ASP A 209 18.56 1.83 18.67
N ALA A 210 18.13 1.83 17.41
CA ALA A 210 16.75 1.47 17.07
C ALA A 210 16.35 0.14 17.69
N ASP A 211 17.13 -0.89 17.40
CA ASP A 211 16.83 -2.24 17.88
C ASP A 211 16.79 -2.30 19.41
N ASN A 212 17.74 -1.62 20.06
CA ASN A 212 17.81 -1.60 21.52
C ASN A 212 16.60 -0.90 22.12
N VAL A 213 16.24 0.23 21.55
CA VAL A 213 15.09 1.01 22.00
C VAL A 213 13.78 0.25 21.87
N LEU A 214 13.70 -0.59 20.85
CA LEU A 214 12.46 -1.24 20.49
C LEU A 214 12.27 -2.56 21.20
N GLN A 215 13.34 -3.02 21.85
CA GLN A 215 13.26 -4.27 22.57
C GLN A 215 12.06 -4.30 23.54
N PRO A 216 11.82 -3.19 24.27
CA PRO A 216 10.71 -3.06 25.22
C PRO A 216 9.32 -3.36 24.63
N ILE A 217 9.11 -3.07 23.35
CA ILE A 217 7.78 -3.16 22.76
C ILE A 217 7.71 -4.30 21.76
N MET A 218 8.88 -4.91 21.52
CA MET A 218 9.00 -5.95 20.51
C MET A 218 8.10 -7.16 20.77
N ASP A 219 7.98 -7.58 22.02
CA ASP A 219 7.05 -8.65 22.34
C ASP A 219 5.72 -8.40 21.68
N LEU A 220 5.17 -7.21 21.85
CA LEU A 220 3.88 -6.89 21.22
C LEU A 220 4.01 -7.10 19.73
N LEU A 221 4.71 -6.17 19.09
CA LEU A 221 4.96 -6.27 17.65
C LEU A 221 5.17 -7.70 17.11
N ASP A 222 5.82 -8.58 17.88
CA ASP A 222 6.18 -9.91 17.39
C ASP A 222 5.20 -11.07 17.68
N SER A 223 5.11 -11.49 18.95
CA SER A 223 4.25 -12.63 19.30
C SER A 223 2.79 -12.29 19.06
N ASN A 224 2.34 -11.19 19.67
CA ASN A 224 0.96 -10.77 19.57
C ASN A 224 0.54 -10.65 18.11
N LEU A 225 1.14 -9.72 17.37
CA LEU A 225 0.68 -9.53 16.00
C LEU A 225 0.73 -10.85 15.21
N THR A 226 1.76 -11.66 15.50
CA THR A 226 1.85 -13.03 15.01
C THR A 226 0.64 -13.89 15.40
N LEU A 227 0.11 -13.67 16.59
CA LEU A 227 -1.01 -14.46 17.06
C LEU A 227 -2.27 -14.03 16.36
N PHE A 228 -2.54 -12.74 16.41
CA PHE A 228 -3.72 -12.19 15.74
C PHE A 228 -3.65 -12.53 14.26
N ALA A 229 -2.43 -12.63 13.74
CA ALA A 229 -2.17 -13.07 12.35
C ALA A 229 -2.81 -14.43 12.04
N LYS A 230 -2.33 -15.46 12.75
CA LYS A 230 -2.92 -16.79 12.78
C LYS A 230 -4.44 -16.87 13.01
N ILE A 231 -4.93 -16.20 14.07
CA ILE A 231 -6.31 -16.46 14.49
C ILE A 231 -7.39 -15.47 14.05
N CYS A 232 -7.06 -14.21 13.81
CA CYS A 232 -8.13 -13.26 13.46
C CYS A 232 -8.60 -13.48 12.02
N GLU A 233 -9.68 -12.80 11.66
CA GLU A 233 -10.20 -12.90 10.33
C GLU A 233 -9.69 -11.65 9.67
N LYS A 234 -9.62 -11.66 8.35
CA LYS A 234 -9.13 -10.48 7.64
C LYS A 234 -9.70 -9.22 8.28
N THR A 235 -11.03 -9.13 8.34
CA THR A 235 -11.68 -7.93 8.83
C THR A 235 -11.37 -7.67 10.31
N VAL A 236 -11.15 -8.74 11.06
CA VAL A 236 -10.79 -8.56 12.45
C VAL A 236 -9.36 -8.05 12.67
N LEU A 237 -8.41 -8.66 11.97
CA LEU A 237 -7.01 -8.27 12.06
C LEU A 237 -6.81 -6.79 11.73
N LYS A 238 -7.41 -6.36 10.63
CA LYS A 238 -7.44 -4.96 10.22
C LYS A 238 -7.81 -4.00 11.36
N ARG A 239 -8.99 -4.24 11.91
CA ARG A 239 -9.59 -3.31 12.85
C ARG A 239 -8.76 -3.29 14.12
N VAL A 240 -8.32 -4.46 14.57
CA VAL A 240 -7.45 -4.53 15.74
C VAL A 240 -6.09 -3.86 15.47
N LEU A 241 -5.44 -4.24 14.36
CA LEU A 241 -4.15 -3.65 14.04
C LEU A 241 -4.27 -2.13 14.00
N LYS A 242 -5.26 -1.64 13.23
CA LYS A 242 -5.50 -0.20 13.10
C LYS A 242 -5.53 0.42 14.48
N GLU A 243 -6.28 -0.21 15.37
CA GLU A 243 -6.33 0.20 16.77
C GLU A 243 -4.95 0.24 17.43
N LEU A 244 -4.23 -0.87 17.37
CA LEU A 244 -2.97 -0.98 18.11
C LEU A 244 -1.95 0.02 17.60
N TRP A 245 -2.01 0.26 16.30
CA TRP A 245 -1.09 1.18 15.65
C TRP A 245 -1.29 2.58 16.22
N LYS A 246 -2.56 2.89 16.48
CA LYS A 246 -2.95 4.16 17.03
C LYS A 246 -2.40 4.26 18.46
N LEU A 247 -2.65 3.22 19.27
CA LEU A 247 -2.05 3.17 20.61
C LEU A 247 -0.54 3.37 20.57
N VAL A 248 0.14 2.59 19.75
CA VAL A 248 1.59 2.66 19.71
C VAL A 248 2.03 4.06 19.30
N MET A 249 1.47 4.56 18.20
CA MET A 249 1.79 5.87 17.67
C MET A 249 1.62 6.98 18.72
N ASN A 250 0.43 7.07 19.31
CA ASN A 250 0.15 8.11 20.31
C ASN A 250 1.00 8.04 21.58
N THR A 251 1.18 6.82 22.08
CA THR A 251 1.93 6.64 23.30
C THR A 251 3.36 7.05 23.06
N MET A 252 3.87 6.76 21.88
CA MET A 252 5.18 7.26 21.55
C MET A 252 5.12 8.79 21.62
N GLU A 253 4.28 9.37 20.78
CA GLU A 253 4.13 10.82 20.71
C GLU A 253 4.17 11.48 22.08
N ARG A 254 3.35 10.98 23.01
CA ARG A 254 3.22 11.59 24.33
C ARG A 254 4.39 11.25 25.25
N THR A 255 4.96 10.05 25.10
CA THR A 255 5.93 9.55 26.08
C THR A 255 7.39 9.96 25.82
N ILE A 256 7.68 10.42 24.62
CA ILE A 256 9.05 10.78 24.29
C ILE A 256 9.12 12.18 23.68
N VAL A 257 8.20 12.44 22.78
CA VAL A 257 8.30 13.61 21.91
C VAL A 257 7.73 14.91 22.52
N LEU A 258 6.45 14.89 22.90
CA LEU A 258 5.79 16.09 23.45
C LEU A 258 6.38 16.59 24.76
N PRO A 259 6.52 17.93 24.88
CA PRO A 259 6.89 18.51 26.18
C PRO A 259 5.87 18.13 27.26
N PRO A 260 6.33 17.99 28.51
CA PRO A 260 5.54 17.48 29.64
C PRO A 260 4.32 18.34 29.86
N GLU A 261 4.40 19.57 29.35
CA GLU A 261 3.30 20.50 29.38
C GLU A 261 2.20 20.02 28.46
N PHE A 262 2.56 19.05 27.64
CA PHE A 262 1.66 18.48 26.64
C PHE A 262 1.47 16.97 26.78
N SER A 263 1.90 16.40 27.91
CA SER A 263 1.73 14.97 28.15
C SER A 263 1.55 14.58 29.62
N LYS A 264 0.47 13.85 29.89
CA LYS A 264 0.27 13.19 31.18
C LYS A 264 1.14 11.93 31.29
N LEU A 265 2.00 11.71 30.30
CA LEU A 265 2.84 10.51 30.28
C LEU A 265 4.28 10.86 30.57
N LYS A 266 4.65 12.13 30.34
CA LYS A 266 5.94 12.62 30.74
C LYS A 266 5.86 13.14 32.17
N ASP A 267 6.35 12.32 33.11
CA ASP A 267 6.33 12.67 34.53
C ASP A 267 7.34 13.77 34.83
N HIS A 268 7.29 14.84 34.04
CA HIS A 268 8.17 15.97 34.26
C HIS A 268 7.36 17.13 34.84
N PRO A 279 16.42 15.98 19.65
CA PRO A 279 17.89 15.84 19.63
C PRO A 279 18.36 15.02 18.43
N LYS A 280 19.60 14.55 18.45
CA LYS A 280 20.10 13.74 17.34
C LYS A 280 19.43 12.37 17.38
N GLN A 281 18.87 12.07 18.55
CA GLN A 281 18.20 10.81 18.84
C GLN A 281 16.96 10.59 17.98
N CYS A 282 16.47 11.66 17.35
CA CYS A 282 15.29 11.58 16.50
C CYS A 282 15.47 10.48 15.47
N ALA A 283 16.65 10.47 14.86
CA ALA A 283 16.97 9.47 13.86
C ALA A 283 16.52 8.10 14.33
N VAL A 284 16.90 7.73 15.56
CA VAL A 284 16.60 6.40 16.06
C VAL A 284 15.13 6.09 15.88
N VAL A 285 14.29 6.99 16.38
CA VAL A 285 12.84 6.87 16.31
C VAL A 285 12.34 6.88 14.87
N GLU A 286 13.21 7.31 13.96
CA GLU A 286 12.82 7.50 12.58
C GLU A 286 12.94 6.17 11.84
N LEU A 287 13.91 5.37 12.28
CA LEU A 287 14.11 4.04 11.72
C LEU A 287 13.29 3.02 12.51
N ALA A 288 13.17 3.28 13.81
CA ALA A 288 12.24 2.53 14.65
C ALA A 288 10.92 2.50 13.93
N LEU A 289 10.38 3.68 13.65
CA LEU A 289 9.08 3.79 13.00
C LEU A 289 8.98 2.89 11.78
N ASP A 290 10.02 2.87 10.95
CA ASP A 290 9.98 2.01 9.77
C ASP A 290 9.90 0.55 10.17
N THR A 291 10.61 0.18 11.23
CA THR A 291 10.65 -1.19 11.75
C THR A 291 9.29 -1.63 12.21
N ILE A 292 8.74 -0.83 13.13
CA ILE A 292 7.41 -1.03 13.67
C ILE A 292 6.44 -1.15 12.51
N LYS A 293 6.54 -0.20 11.59
CA LYS A 293 5.66 -0.15 10.45
C LYS A 293 5.65 -1.49 9.71
N GLN A 294 6.80 -2.15 9.70
CA GLN A 294 6.97 -3.44 9.06
C GLN A 294 6.21 -4.52 9.83
N TYR A 295 6.23 -4.39 11.15
CA TYR A 295 5.54 -5.36 11.98
C TYR A 295 4.04 -5.21 11.85
N PHE A 296 3.56 -4.02 11.49
CA PHE A 296 2.11 -3.81 11.36
C PHE A 296 1.65 -4.06 9.96
N HIS A 297 2.62 -4.16 9.05
CA HIS A 297 2.37 -4.49 7.66
C HIS A 297 2.27 -5.97 7.54
N ALA A 298 3.04 -6.67 8.36
CA ALA A 298 3.08 -8.14 8.36
C ALA A 298 3.08 -8.82 6.99
N GLY A 299 4.10 -8.57 6.18
CA GLY A 299 4.15 -9.17 4.86
C GLY A 299 2.87 -9.04 4.06
N GLY A 300 2.10 -7.99 4.37
CA GLY A 300 0.87 -7.68 3.66
C GLY A 300 -0.30 -8.48 4.21
N VAL A 301 0.00 -9.36 5.16
CA VAL A 301 -1.06 -10.02 5.91
C VAL A 301 -1.82 -8.92 6.63
N GLY A 302 -1.08 -8.14 7.41
CA GLY A 302 -1.59 -7.05 8.21
C GLY A 302 -1.95 -5.76 7.50
N LEU A 303 -1.53 -4.63 8.08
CA LEU A 303 -2.03 -3.35 7.62
C LEU A 303 -1.20 -2.95 6.42
N LYS A 304 -1.77 -2.12 5.55
CA LYS A 304 -1.02 -1.72 4.36
C LYS A 304 -0.15 -0.44 4.50
N LYS A 305 0.78 -0.26 3.57
CA LYS A 305 1.75 0.82 3.72
C LYS A 305 1.12 2.14 3.30
N THR A 306 0.38 2.13 2.20
CA THR A 306 -0.48 3.23 1.80
C THR A 306 -1.30 3.79 2.96
N PHE A 307 -1.82 2.90 3.81
CA PHE A 307 -2.57 3.33 4.99
C PHE A 307 -1.67 3.89 6.05
N LEU A 308 -0.68 3.10 6.46
CA LEU A 308 0.26 3.54 7.50
C LEU A 308 0.98 4.85 7.11
N GLU A 309 1.47 4.94 5.87
CA GLU A 309 2.06 6.18 5.37
C GLU A 309 1.12 7.38 5.52
N LYS A 310 -0.19 7.15 5.45
CA LYS A 310 -1.16 8.25 5.49
C LYS A 310 -1.94 8.40 6.83
N SER A 311 -1.51 7.66 7.86
CA SER A 311 -2.14 7.74 9.17
C SER A 311 -1.83 9.06 9.88
N PRO A 312 -2.89 9.79 10.27
CA PRO A 312 -2.77 11.04 11.03
C PRO A 312 -1.91 10.89 12.28
N ASP A 313 -2.09 9.81 13.04
CA ASP A 313 -1.29 9.54 14.24
C ASP A 313 0.18 9.41 13.96
N LEU A 314 0.51 8.91 12.78
CA LEU A 314 1.90 8.91 12.32
C LEU A 314 2.31 10.34 11.92
N GLN A 315 1.55 10.90 11.00
CA GLN A 315 1.71 12.26 10.53
C GLN A 315 1.86 13.22 11.71
N SER A 316 1.10 12.97 12.78
CA SER A 316 1.16 13.80 13.98
C SER A 316 2.40 13.49 14.80
N LEU A 317 2.92 12.27 14.65
CA LEU A 317 4.14 11.90 15.36
C LEU A 317 5.29 12.65 14.73
N ARG A 318 5.35 12.60 13.40
CA ARG A 318 6.40 13.24 12.65
C ARG A 318 6.42 14.76 12.87
N TYR A 319 5.25 15.34 13.08
CA TYR A 319 5.16 16.74 13.45
C TYR A 319 5.87 16.92 14.78
N ALA A 320 5.36 16.29 15.83
CA ALA A 320 5.98 16.36 17.15
C ALA A 320 7.49 16.17 17.06
N LEU A 321 7.94 15.12 16.37
CA LEU A 321 9.36 14.85 16.23
C LEU A 321 10.09 16.05 15.61
N SER A 322 9.41 16.75 14.71
CA SER A 322 10.00 17.87 14.01
C SER A 322 10.16 19.03 14.96
N LEU A 323 9.06 19.44 15.58
CA LEU A 323 9.07 20.52 16.56
C LEU A 323 10.09 20.25 17.68
N TYR A 324 10.35 18.98 17.97
CA TYR A 324 11.30 18.63 19.04
C TYR A 324 12.17 17.42 18.66
N ALA B 9 40.87 36.98 -31.70
CA ALA B 9 41.90 37.05 -32.73
C ALA B 9 42.91 35.90 -32.60
N TRP B 10 44.05 36.19 -31.97
CA TRP B 10 45.09 35.19 -31.82
C TRP B 10 45.23 34.74 -30.37
N PHE B 11 44.49 35.39 -29.48
CA PHE B 11 44.32 34.92 -28.10
C PHE B 11 43.28 33.80 -28.04
N GLU B 12 42.35 33.81 -28.99
CA GLU B 12 41.37 32.75 -29.11
C GLU B 12 42.03 31.38 -29.10
N PRO B 13 42.86 31.09 -30.13
CA PRO B 13 43.41 29.74 -30.25
C PRO B 13 43.85 29.16 -28.90
N PHE B 14 44.42 30.01 -28.05
CA PHE B 14 44.97 29.59 -26.78
C PHE B 14 43.89 29.14 -25.81
N VAL B 15 42.70 29.75 -25.90
CA VAL B 15 41.59 29.37 -25.03
C VAL B 15 41.10 27.95 -25.36
N ILE B 16 40.93 27.69 -26.64
CA ILE B 16 40.42 26.39 -27.07
C ILE B 16 41.25 25.23 -26.52
N GLN B 17 42.57 25.30 -26.68
CA GLN B 17 43.42 24.23 -26.16
C GLN B 17 43.11 24.01 -24.69
N TRP B 18 42.69 25.06 -24.01
CA TRP B 18 42.30 25.00 -22.60
C TRP B 18 40.99 24.25 -22.38
N LEU B 19 39.99 24.54 -23.20
CA LEU B 19 38.70 23.88 -23.09
C LEU B 19 38.91 22.42 -23.43
N ASP B 20 39.78 22.19 -24.41
CA ASP B 20 40.15 20.84 -24.78
C ASP B 20 40.65 20.07 -23.57
N GLU B 21 41.65 20.61 -22.89
CA GLU B 21 42.18 19.92 -21.72
C GLU B 21 41.14 19.88 -20.64
N ASN B 22 40.36 20.95 -20.57
CA ASN B 22 39.29 21.05 -19.60
C ASN B 22 38.33 19.85 -19.70
N GLU B 23 37.98 19.50 -20.94
CA GLU B 23 37.14 18.33 -21.16
C GLU B 23 37.74 17.14 -20.44
N GLU B 24 38.98 16.80 -20.79
CA GLU B 24 39.66 15.74 -20.07
C GLU B 24 39.49 15.90 -18.56
N VAL B 25 39.52 17.13 -18.08
CA VAL B 25 39.56 17.37 -16.65
C VAL B 25 38.21 17.00 -16.05
N SER B 26 37.19 17.10 -16.88
CA SER B 26 35.82 16.87 -16.46
C SER B 26 35.48 15.39 -16.49
N ARG B 27 35.85 14.70 -17.58
CA ARG B 27 35.71 13.25 -17.67
C ARG B 27 36.45 12.56 -16.53
N ASP B 28 37.63 13.08 -16.22
CA ASP B 28 38.42 12.51 -15.14
C ASP B 28 37.67 12.77 -13.84
N PHE B 29 37.24 14.01 -13.66
CA PHE B 29 36.49 14.37 -12.47
C PHE B 29 35.20 13.59 -12.43
N LEU B 30 34.56 13.50 -13.58
CA LEU B 30 33.39 12.64 -13.72
C LEU B 30 33.70 11.27 -13.11
N HIS B 31 34.74 10.63 -13.64
CA HIS B 31 35.10 9.27 -13.30
C HIS B 31 35.31 9.00 -11.82
N GLY B 32 35.79 10.01 -11.09
CA GLY B 32 36.01 9.87 -9.67
C GLY B 32 34.73 10.13 -8.91
N ALA B 33 33.99 11.14 -9.36
CA ALA B 33 32.73 11.49 -8.73
C ALA B 33 31.82 10.26 -8.74
N LEU B 34 31.81 9.57 -9.89
CA LEU B 34 30.96 8.40 -10.02
C LEU B 34 31.40 7.22 -9.17
N GLU B 35 32.68 6.88 -9.18
CA GLU B 35 33.10 5.72 -8.40
C GLU B 35 33.05 6.05 -6.92
N ARG B 36 33.11 7.34 -6.61
CA ARG B 36 32.97 7.78 -5.24
C ARG B 36 31.52 7.56 -4.77
N ASP B 37 30.56 7.90 -5.63
CA ASP B 37 29.14 7.75 -5.30
C ASP B 37 28.76 6.27 -5.14
N LYS B 38 29.28 5.44 -6.04
CA LYS B 38 29.11 3.98 -6.01
C LYS B 38 29.64 3.39 -4.71
N LYS B 39 30.64 4.06 -4.12
CA LYS B 39 31.20 3.60 -2.84
C LYS B 39 30.43 4.13 -1.64
N ASP B 40 29.79 5.28 -1.81
CA ASP B 40 28.82 5.78 -0.84
C ASP B 40 27.57 4.90 -0.86
N GLY B 41 27.19 4.43 -2.05
CA GLY B 41 26.05 3.56 -2.20
C GLY B 41 24.96 4.19 -3.04
N PHE B 42 25.18 5.42 -3.50
CA PHE B 42 24.15 6.16 -4.24
C PHE B 42 23.02 6.57 -3.31
N GLN B 43 23.37 7.24 -2.22
CA GLN B 43 22.38 7.70 -1.25
C GLN B 43 21.73 8.98 -1.75
N GLN B 44 20.46 9.19 -1.42
CA GLN B 44 19.83 10.45 -1.78
C GLN B 44 20.39 11.53 -0.87
N THR B 45 20.46 12.76 -1.38
CA THR B 45 21.04 13.85 -0.61
C THR B 45 20.25 14.17 0.66
N SER B 46 19.09 14.80 0.48
CA SER B 46 18.15 15.01 1.57
C SER B 46 17.03 14.01 1.40
N GLU B 47 15.94 14.17 2.16
CA GLU B 47 14.75 13.39 1.88
C GLU B 47 13.87 14.09 0.84
N HIS B 48 14.18 15.36 0.57
CA HIS B 48 13.46 16.12 -0.44
C HIS B 48 14.39 16.45 -1.58
N ALA B 49 15.55 15.80 -1.62
CA ALA B 49 16.50 15.95 -2.72
C ALA B 49 17.00 14.57 -3.16
N LEU B 50 16.40 14.05 -4.22
CA LEU B 50 16.36 12.62 -4.41
C LEU B 50 17.56 12.03 -5.13
N PHE B 51 18.36 12.91 -5.72
CA PHE B 51 19.54 12.52 -6.47
C PHE B 51 20.73 12.23 -5.54
N SER B 52 21.76 11.59 -6.08
CA SER B 52 22.94 11.25 -5.28
C SER B 52 24.08 12.28 -5.41
N CYS B 53 25.02 12.22 -4.48
CA CYS B 53 26.11 13.18 -4.40
C CYS B 53 26.72 13.48 -5.78
N SER B 54 27.28 12.45 -6.40
CA SER B 54 28.04 12.58 -7.64
C SER B 54 27.38 13.40 -8.75
N VAL B 55 26.09 13.68 -8.67
CA VAL B 55 25.48 14.50 -9.70
C VAL B 55 25.91 15.92 -9.42
N VAL B 56 25.71 16.34 -8.17
CA VAL B 56 26.18 17.64 -7.71
C VAL B 56 27.66 17.80 -8.04
N ASP B 57 28.51 16.97 -7.44
CA ASP B 57 29.93 16.90 -7.77
C ASP B 57 30.19 17.28 -9.23
N VAL B 58 29.62 16.50 -10.14
CA VAL B 58 29.77 16.72 -11.60
C VAL B 58 29.31 18.10 -12.03
N PHE B 59 28.12 18.52 -11.59
CA PHE B 59 27.56 19.76 -12.12
C PHE B 59 28.18 21.02 -11.54
N SER B 60 28.68 20.93 -10.31
CA SER B 60 29.38 22.05 -9.72
C SER B 60 30.68 22.29 -10.49
N GLN B 61 31.30 21.20 -10.95
CA GLN B 61 32.52 21.31 -11.71
C GLN B 61 32.26 21.93 -13.09
N LEU B 62 31.20 21.51 -13.78
CA LEU B 62 30.86 22.13 -15.06
C LEU B 62 30.40 23.56 -14.81
N ASN B 63 29.82 23.80 -13.64
CA ASN B 63 29.40 25.13 -13.25
C ASN B 63 30.62 26.03 -13.12
N GLN B 64 31.57 25.60 -12.30
CA GLN B 64 32.80 26.34 -12.12
C GLN B 64 33.38 26.56 -13.50
N SER B 65 33.58 25.45 -14.21
CA SER B 65 34.19 25.48 -15.53
C SER B 65 33.59 26.60 -16.36
N PHE B 66 32.27 26.70 -16.32
CA PHE B 66 31.58 27.71 -17.11
C PHE B 66 31.91 29.14 -16.64
N GLU B 67 32.00 29.35 -15.33
CA GLU B 67 32.32 30.67 -14.81
C GLU B 67 33.67 31.17 -15.33
N ILE B 68 34.69 30.31 -15.23
CA ILE B 68 36.03 30.60 -15.73
C ILE B 68 36.02 31.03 -17.19
N ILE B 69 35.04 30.51 -17.92
CA ILE B 69 34.92 30.81 -19.35
C ILE B 69 34.21 32.14 -19.53
N LYS B 70 33.28 32.42 -18.61
CA LYS B 70 32.58 33.68 -18.57
C LYS B 70 33.58 34.81 -18.29
N LYS B 71 34.41 34.60 -17.27
CA LYS B 71 35.34 35.62 -16.78
C LYS B 71 36.37 36.07 -17.82
N LEU B 72 36.77 35.17 -18.71
CA LEU B 72 37.52 35.64 -19.86
C LEU B 72 36.57 36.38 -20.79
N GLU B 73 35.92 37.41 -20.26
CA GLU B 73 34.99 38.26 -21.01
C GLU B 73 35.55 38.57 -22.39
N CYS B 74 34.75 38.33 -23.42
CA CYS B 74 35.23 38.51 -24.78
C CYS B 74 34.48 39.59 -25.54
N PRO B 75 35.17 40.25 -26.48
CA PRO B 75 34.62 41.27 -27.37
C PRO B 75 33.73 40.69 -28.47
N ASP B 76 34.35 40.04 -29.46
CA ASP B 76 33.62 39.47 -30.59
C ASP B 76 32.73 38.33 -30.15
N PRO B 77 31.41 38.55 -30.15
CA PRO B 77 30.46 37.52 -29.71
C PRO B 77 30.66 36.27 -30.54
N GLN B 78 31.15 36.43 -31.76
CA GLN B 78 31.44 35.28 -32.61
C GLN B 78 32.57 34.40 -32.06
N ILE B 79 33.59 35.02 -31.47
CA ILE B 79 34.64 34.25 -30.79
C ILE B 79 34.02 33.42 -29.67
N VAL B 80 33.19 34.07 -28.86
CA VAL B 80 32.45 33.37 -27.82
C VAL B 80 31.69 32.21 -28.43
N GLY B 81 31.26 32.39 -29.67
CA GLY B 81 30.45 31.39 -30.35
C GLY B 81 31.20 30.10 -30.64
N HIS B 82 32.52 30.17 -30.56
CA HIS B 82 33.35 29.00 -30.76
C HIS B 82 33.58 28.33 -29.42
N TYR B 83 33.85 29.16 -28.41
CA TYR B 83 34.05 28.68 -27.05
C TYR B 83 32.87 27.83 -26.62
N MET B 84 31.66 28.37 -26.80
CA MET B 84 30.43 27.69 -26.39
C MET B 84 30.18 26.42 -27.21
N ARG B 85 30.23 26.54 -28.53
CA ARG B 85 30.21 25.38 -29.41
C ARG B 85 31.11 24.27 -28.84
N ARG B 86 32.30 24.68 -28.37
CA ARG B 86 33.30 23.76 -27.83
C ARG B 86 32.95 23.22 -26.44
N PHE B 87 32.53 24.13 -25.56
CA PHE B 87 32.10 23.77 -24.21
C PHE B 87 30.87 22.83 -24.22
N ALA B 88 29.95 23.07 -25.14
CA ALA B 88 28.78 22.20 -25.31
C ALA B 88 29.19 20.77 -25.58
N LYS B 89 30.27 20.58 -26.35
CA LYS B 89 30.76 19.24 -26.66
C LYS B 89 31.25 18.61 -25.37
N THR B 90 31.95 19.41 -24.57
CA THR B 90 32.44 18.95 -23.28
C THR B 90 31.26 18.49 -22.40
N ILE B 91 30.16 19.25 -22.42
CA ILE B 91 29.00 18.92 -21.58
C ILE B 91 28.27 17.67 -22.07
N SER B 92 27.96 17.65 -23.36
CA SER B 92 27.43 16.45 -23.98
C SER B 92 28.31 15.26 -23.61
N ASN B 93 29.60 15.31 -23.96
CA ASN B 93 30.49 14.16 -23.79
C ASN B 93 30.61 13.70 -22.35
N VAL B 94 30.66 14.66 -21.45
CA VAL B 94 30.75 14.38 -20.03
C VAL B 94 29.42 13.85 -19.47
N LEU B 95 28.32 14.44 -19.93
CA LEU B 95 27.02 14.01 -19.46
C LEU B 95 26.60 12.66 -20.04
N LEU B 96 26.90 12.45 -21.32
CA LEU B 96 26.57 11.19 -21.97
C LEU B 96 27.45 10.10 -21.41
N GLN B 97 28.57 10.50 -20.86
CA GLN B 97 29.44 9.49 -20.29
C GLN B 97 28.97 9.15 -18.91
N TYR B 98 28.25 10.07 -18.28
CA TYR B 98 27.68 9.82 -16.97
C TYR B 98 26.64 8.75 -17.17
N ALA B 99 25.77 9.01 -18.15
CA ALA B 99 24.69 8.13 -18.54
C ALA B 99 25.16 6.70 -18.88
N ASP B 100 26.14 6.56 -19.76
CA ASP B 100 26.57 5.21 -20.13
C ASP B 100 27.21 4.47 -18.96
N ILE B 101 27.90 5.19 -18.09
CA ILE B 101 28.43 4.59 -16.86
C ILE B 101 27.28 4.12 -15.95
N VAL B 102 26.14 4.82 -16.02
CA VAL B 102 24.97 4.40 -15.26
C VAL B 102 24.25 3.25 -15.97
N SER B 103 24.22 3.28 -17.31
CA SER B 103 23.51 2.26 -18.05
C SER B 103 24.12 0.89 -17.82
N LYS B 104 25.44 0.82 -17.91
CA LYS B 104 26.16 -0.44 -17.78
C LYS B 104 25.91 -1.07 -16.42
N ASP B 105 26.23 -0.34 -15.36
CA ASP B 105 26.00 -0.85 -14.02
C ASP B 105 24.51 -0.99 -13.64
N PHE B 106 23.60 -0.47 -14.47
CA PHE B 106 22.20 -0.35 -14.04
C PHE B 106 21.53 -1.67 -13.68
N ALA B 107 21.60 -2.64 -14.59
CA ALA B 107 20.92 -3.90 -14.36
C ALA B 107 21.39 -4.49 -13.04
N SER B 108 22.70 -4.55 -12.86
CA SER B 108 23.28 -5.08 -11.63
C SER B 108 22.50 -4.65 -10.39
N TYR B 109 22.20 -3.36 -10.31
CA TYR B 109 21.56 -2.80 -9.12
C TYR B 109 20.09 -3.16 -9.04
N CYS B 110 19.52 -3.56 -10.18
CA CYS B 110 18.13 -3.95 -10.22
C CYS B 110 17.91 -5.26 -9.50
N SER B 111 19.00 -5.87 -9.04
CA SER B 111 18.87 -7.06 -8.23
C SER B 111 17.92 -6.84 -7.04
N LYS B 112 17.25 -5.69 -7.06
CA LYS B 112 16.07 -5.41 -6.24
C LYS B 112 16.16 -5.76 -4.75
N GLU B 113 17.36 -5.96 -4.23
CA GLU B 113 17.49 -6.23 -2.81
C GLU B 113 18.34 -5.13 -2.18
N LYS B 114 18.66 -4.15 -3.03
CA LYS B 114 19.11 -2.83 -2.64
C LYS B 114 18.37 -1.90 -3.58
N GLU B 115 17.04 -1.87 -3.40
CA GLU B 115 16.10 -1.47 -4.44
C GLU B 115 15.83 0.01 -4.58
N LYS B 116 16.34 0.84 -3.68
CA LYS B 116 16.17 2.27 -3.89
C LYS B 116 17.23 2.85 -4.82
N VAL B 117 18.26 2.05 -5.08
CA VAL B 117 19.37 2.44 -5.94
C VAL B 117 19.07 2.63 -7.44
N PRO B 118 18.39 1.67 -8.07
CA PRO B 118 17.96 2.00 -9.43
C PRO B 118 17.10 3.28 -9.46
N CYS B 119 16.17 3.42 -8.51
CA CYS B 119 15.37 4.63 -8.47
C CYS B 119 16.21 5.89 -8.37
N ILE B 120 17.14 5.88 -7.42
CA ILE B 120 17.99 7.03 -7.21
C ILE B 120 18.82 7.31 -8.46
N LEU B 121 19.20 6.24 -9.16
CA LEU B 121 20.03 6.34 -10.38
C LEU B 121 19.26 6.98 -11.52
N MET B 122 17.94 6.84 -11.48
CA MET B 122 17.06 7.50 -12.44
C MET B 122 16.93 8.96 -12.05
N ASN B 123 16.68 9.21 -10.77
CA ASN B 123 16.65 10.56 -10.26
C ASN B 123 17.89 11.40 -10.69
N ASN B 124 19.08 10.78 -10.60
CA ASN B 124 20.33 11.38 -11.10
C ASN B 124 20.31 11.73 -12.58
N THR B 125 19.85 10.77 -13.38
CA THR B 125 19.72 11.03 -14.80
C THR B 125 18.76 12.18 -15.10
N GLN B 126 17.57 12.18 -14.48
CA GLN B 126 16.59 13.26 -14.72
C GLN B 126 17.17 14.60 -14.27
N GLN B 127 17.95 14.56 -13.20
CA GLN B 127 18.62 15.75 -12.72
C GLN B 127 19.67 16.27 -13.74
N LEU B 128 20.32 15.37 -14.47
CA LEU B 128 21.22 15.83 -15.52
C LEU B 128 20.40 16.61 -16.53
N ARG B 129 19.22 16.08 -16.83
CA ARG B 129 18.30 16.70 -17.78
C ARG B 129 17.81 18.01 -17.18
N VAL B 130 17.85 18.11 -15.85
CA VAL B 130 17.36 19.30 -15.19
C VAL B 130 18.42 20.36 -15.21
N GLN B 131 19.61 19.99 -14.73
CA GLN B 131 20.66 20.97 -14.61
C GLN B 131 21.15 21.41 -16.01
N LEU B 132 21.05 20.51 -16.99
CA LEU B 132 21.47 20.82 -18.36
C LEU B 132 20.63 21.92 -18.95
N GLU B 133 19.31 21.85 -18.75
CA GLU B 133 18.44 22.95 -19.13
C GLU B 133 19.04 24.22 -18.52
N LYS B 134 19.33 24.15 -17.22
CA LYS B 134 19.82 25.31 -16.46
C LYS B 134 21.08 25.86 -17.09
N MET B 135 21.98 24.95 -17.43
CA MET B 135 23.26 25.30 -18.03
C MET B 135 23.06 25.99 -19.39
N PHE B 136 22.39 25.32 -20.30
CA PHE B 136 22.01 25.88 -21.59
C PHE B 136 21.55 27.34 -21.49
N GLU B 137 20.68 27.63 -20.52
CA GLU B 137 20.23 28.99 -20.26
C GLU B 137 21.40 29.88 -19.86
N ALA B 138 22.18 29.39 -18.90
CA ALA B 138 23.30 30.14 -18.34
C ALA B 138 24.15 30.73 -19.44
N MET B 139 24.19 30.04 -20.57
CA MET B 139 25.07 30.40 -21.66
C MET B 139 24.34 30.96 -22.89
N GLY B 140 23.39 31.87 -22.66
CA GLY B 140 22.69 32.52 -23.76
C GLY B 140 21.31 31.97 -24.02
N GLY B 141 21.22 30.66 -24.15
CA GLY B 141 19.94 29.98 -24.32
C GLY B 141 19.32 30.26 -25.67
N LYS B 142 18.40 31.22 -25.70
CA LYS B 142 17.79 31.65 -26.95
C LYS B 142 18.79 32.43 -27.80
N GLU B 143 19.77 33.01 -27.12
CA GLU B 143 20.78 33.84 -27.77
C GLU B 143 22.11 33.09 -27.81
N LEU B 144 22.02 31.77 -27.98
CA LEU B 144 23.18 30.90 -27.97
C LEU B 144 23.52 30.47 -29.39
N ASP B 145 24.82 30.46 -29.72
CA ASP B 145 25.30 30.00 -31.02
C ASP B 145 24.56 28.73 -31.47
N ALA B 146 24.38 28.61 -32.79
CA ALA B 146 23.63 27.50 -33.38
C ALA B 146 24.16 26.14 -32.98
N GLU B 147 25.30 25.77 -33.55
CA GLU B 147 25.89 24.47 -33.29
C GLU B 147 25.94 24.15 -31.78
N ALA B 148 25.97 25.19 -30.96
CA ALA B 148 25.94 25.03 -29.51
C ALA B 148 24.64 24.36 -29.10
N SER B 149 23.54 25.07 -29.25
CA SER B 149 22.23 24.53 -28.91
C SER B 149 22.02 23.23 -29.66
N GLY B 150 22.58 23.16 -30.88
CA GLY B 150 22.50 21.99 -31.72
C GLY B 150 22.97 20.75 -30.96
N THR B 151 24.20 20.82 -30.46
CA THR B 151 24.72 19.71 -29.70
C THR B 151 23.86 19.50 -28.46
N LEU B 152 23.57 20.59 -27.78
CA LEU B 152 22.86 20.56 -26.50
C LEU B 152 21.44 20.04 -26.57
N LYS B 153 20.67 20.56 -27.51
CA LYS B 153 19.30 20.09 -27.67
C LYS B 153 19.32 18.60 -27.88
N GLU B 154 20.00 18.15 -28.94
CA GLU B 154 20.08 16.73 -29.24
C GLU B 154 20.55 15.94 -28.00
N LEU B 155 21.23 16.63 -27.10
CA LEU B 155 21.70 16.04 -25.85
C LEU B 155 20.56 15.78 -24.86
N GLN B 156 19.59 16.69 -24.83
CA GLN B 156 18.41 16.57 -23.98
C GLN B 156 17.53 15.38 -24.37
N VAL B 157 17.56 15.07 -25.66
CA VAL B 157 16.76 13.98 -26.19
C VAL B 157 17.39 12.67 -25.75
N LYS B 158 18.69 12.54 -25.99
CA LYS B 158 19.43 11.34 -25.65
C LYS B 158 19.31 10.99 -24.16
N LEU B 159 19.37 12.01 -23.31
CA LEU B 159 19.18 11.79 -21.87
C LEU B 159 17.76 11.34 -21.57
N ASN B 160 16.80 11.92 -22.28
CA ASN B 160 15.42 11.48 -22.14
C ASN B 160 15.27 9.97 -22.41
N ASN B 161 15.69 9.56 -23.61
CA ASN B 161 15.71 8.17 -24.00
C ASN B 161 16.52 7.29 -23.04
N VAL B 162 17.54 7.87 -22.42
CA VAL B 162 18.30 7.14 -21.43
C VAL B 162 17.40 6.83 -20.27
N LEU B 163 16.70 7.85 -19.81
CA LEU B 163 15.79 7.69 -18.70
C LEU B 163 14.76 6.66 -19.04
N ASP B 164 14.32 6.67 -20.28
CA ASP B 164 13.27 5.75 -20.72
C ASP B 164 13.71 4.31 -20.64
N GLU B 165 14.89 4.03 -21.19
CA GLU B 165 15.40 2.68 -21.20
C GLU B 165 15.69 2.26 -19.76
N LEU B 166 16.40 3.11 -19.02
CA LEU B 166 16.64 2.85 -17.61
C LEU B 166 15.38 2.39 -16.87
N SER B 167 14.29 3.14 -17.03
CA SER B 167 13.05 2.79 -16.33
C SER B 167 12.45 1.51 -16.87
N HIS B 168 12.62 1.27 -18.18
CA HIS B 168 12.27 -0.02 -18.77
C HIS B 168 13.09 -1.14 -18.17
N VAL B 169 14.35 -0.86 -17.88
CA VAL B 169 15.17 -1.88 -17.24
C VAL B 169 14.63 -2.17 -15.85
N PHE B 170 14.34 -1.12 -15.10
CA PHE B 170 13.77 -1.27 -13.76
C PHE B 170 12.48 -2.03 -13.87
N ALA B 171 11.57 -1.52 -14.70
CA ALA B 171 10.30 -2.18 -14.93
C ALA B 171 10.49 -3.67 -15.06
N THR B 172 11.23 -4.08 -16.10
CA THR B 172 11.33 -5.48 -16.49
C THR B 172 11.94 -6.40 -15.43
N SER B 173 12.86 -5.86 -14.62
CA SER B 173 13.36 -6.59 -13.43
C SER B 173 12.24 -7.04 -12.47
N PHE B 174 11.07 -6.41 -12.56
CA PHE B 174 9.95 -6.88 -11.75
C PHE B 174 9.20 -8.01 -12.45
N GLN B 175 9.31 -8.06 -13.77
CA GLN B 175 8.51 -8.97 -14.58
C GLN B 175 8.44 -10.41 -14.05
N PRO B 176 9.60 -10.99 -13.73
CA PRO B 176 9.55 -12.34 -13.13
C PRO B 176 8.64 -12.42 -11.87
N HIS B 177 8.91 -11.58 -10.88
CA HIS B 177 8.09 -11.61 -9.66
C HIS B 177 6.62 -11.44 -10.04
N ILE B 178 6.38 -10.56 -11.00
CA ILE B 178 5.02 -10.24 -11.43
C ILE B 178 4.26 -11.46 -11.94
N GLU B 179 4.87 -12.21 -12.87
CA GLU B 179 4.15 -13.31 -13.49
C GLU B 179 3.77 -14.34 -12.46
N GLU B 180 4.68 -14.59 -11.52
CA GLU B 180 4.39 -15.51 -10.43
C GLU B 180 3.21 -15.03 -9.61
N CYS B 181 2.85 -13.77 -9.74
CA CYS B 181 1.79 -13.24 -8.86
C CYS B 181 0.44 -13.35 -9.55
N VAL B 182 0.43 -12.97 -10.82
CA VAL B 182 -0.77 -13.00 -11.63
C VAL B 182 -1.10 -14.46 -11.86
N ARG B 183 -0.09 -15.29 -11.67
CA ARG B 183 -0.27 -16.72 -11.64
C ARG B 183 -1.14 -17.09 -10.43
N GLN B 184 -0.87 -16.44 -9.30
CA GLN B 184 -1.59 -16.70 -8.05
C GLN B 184 -2.95 -16.00 -7.99
N MET B 185 -3.07 -14.86 -8.65
CA MET B 185 -4.35 -14.21 -8.80
C MET B 185 -5.30 -15.09 -9.60
N GLY B 186 -4.78 -15.64 -10.70
CA GLY B 186 -5.54 -16.47 -11.64
C GLY B 186 -6.16 -17.68 -11.00
N ASP B 187 -5.33 -18.52 -10.39
CA ASP B 187 -5.84 -19.69 -9.70
C ASP B 187 -6.95 -19.34 -8.69
N ILE B 188 -6.67 -18.41 -7.79
CA ILE B 188 -7.70 -17.90 -6.89
C ILE B 188 -8.97 -17.63 -7.70
N LEU B 189 -8.79 -17.00 -8.85
CA LEU B 189 -9.94 -16.65 -9.69
C LEU B 189 -10.66 -17.90 -10.18
N SER B 190 -9.90 -18.97 -10.39
CA SER B 190 -10.46 -20.22 -10.91
C SER B 190 -11.18 -21.00 -9.82
N GLN B 191 -11.33 -20.37 -8.66
CA GLN B 191 -12.05 -20.97 -7.56
C GLN B 191 -13.26 -20.11 -7.19
N VAL B 192 -13.69 -19.29 -8.15
CA VAL B 192 -14.87 -18.46 -7.95
C VAL B 192 -16.09 -19.08 -8.64
N LYS B 193 -17.09 -19.45 -7.83
CA LYS B 193 -18.25 -20.16 -8.36
C LYS B 193 -19.44 -20.12 -7.40
N SER B 205 -19.96 -10.96 -1.78
CA SER B 205 -20.13 -12.03 -2.76
C SER B 205 -19.11 -11.92 -3.88
N VAL B 206 -19.02 -10.73 -4.47
CA VAL B 206 -18.18 -10.52 -5.64
C VAL B 206 -17.08 -9.48 -5.39
N ALA B 207 -17.45 -8.39 -4.72
CA ALA B 207 -16.51 -7.31 -4.45
C ALA B 207 -15.32 -7.81 -3.64
N GLN B 208 -15.55 -8.88 -2.88
CA GLN B 208 -14.55 -9.43 -1.97
C GLN B 208 -13.71 -10.49 -2.64
N ASP B 209 -14.27 -11.14 -3.67
CA ASP B 209 -13.50 -12.07 -4.48
C ASP B 209 -12.35 -11.31 -5.16
N ALA B 210 -12.63 -10.06 -5.50
CA ALA B 210 -11.64 -9.18 -6.09
C ALA B 210 -10.48 -8.93 -5.11
N ASP B 211 -10.80 -8.64 -3.85
CA ASP B 211 -9.77 -8.41 -2.86
C ASP B 211 -8.90 -9.66 -2.73
N ASN B 212 -9.54 -10.82 -2.73
CA ASN B 212 -8.81 -12.09 -2.67
C ASN B 212 -7.93 -12.21 -3.89
N VAL B 213 -8.56 -12.23 -5.06
CA VAL B 213 -7.87 -12.31 -6.33
C VAL B 213 -6.73 -11.30 -6.43
N LEU B 214 -6.78 -10.24 -5.62
CA LEU B 214 -5.75 -9.23 -5.72
C LEU B 214 -4.57 -9.50 -4.81
N GLN B 215 -4.78 -10.30 -3.77
CA GLN B 215 -3.73 -10.39 -2.75
C GLN B 215 -2.30 -10.62 -3.29
N PRO B 216 -2.13 -11.62 -4.18
CA PRO B 216 -0.80 -11.96 -4.69
C PRO B 216 0.03 -10.77 -5.22
N ILE B 217 -0.59 -9.82 -5.93
CA ILE B 217 0.13 -8.62 -6.35
C ILE B 217 0.23 -7.49 -5.30
N MET B 218 -0.56 -7.58 -4.23
CA MET B 218 -0.57 -6.50 -3.24
C MET B 218 0.84 -6.12 -2.79
N ASP B 219 1.73 -7.10 -2.65
CA ASP B 219 3.15 -6.79 -2.51
C ASP B 219 3.52 -5.69 -3.52
N LEU B 220 3.59 -6.05 -4.81
CA LEU B 220 3.88 -5.06 -5.83
C LEU B 220 2.98 -3.84 -5.68
N LEU B 221 1.69 -4.10 -5.83
CA LEU B 221 0.71 -3.06 -5.99
C LEU B 221 0.61 -2.08 -4.78
N ASP B 222 0.85 -2.59 -3.57
CA ASP B 222 0.78 -1.76 -2.36
C ASP B 222 2.11 -1.10 -1.97
N SER B 223 2.96 -1.87 -1.28
CA SER B 223 4.14 -1.35 -0.60
C SER B 223 5.33 -0.98 -1.51
N ASN B 224 5.38 -1.58 -2.70
CA ASN B 224 6.32 -1.24 -3.76
C ASN B 224 6.02 0.14 -4.31
N LEU B 225 4.82 0.30 -4.83
CA LEU B 225 4.50 1.54 -5.49
C LEU B 225 4.53 2.64 -4.49
N THR B 226 4.29 2.29 -3.24
CA THR B 226 4.28 3.29 -2.17
C THR B 226 5.73 3.78 -2.00
N LEU B 227 6.65 2.86 -1.77
CA LEU B 227 8.08 3.16 -1.89
C LEU B 227 8.49 4.01 -3.11
N PHE B 228 8.06 3.66 -4.33
CA PHE B 228 8.52 4.46 -5.46
C PHE B 228 8.08 5.91 -5.35
N ALA B 229 6.86 6.13 -4.92
CA ALA B 229 6.34 7.49 -4.80
C ALA B 229 7.17 8.27 -3.81
N LYS B 230 7.62 7.58 -2.77
CA LYS B 230 8.40 8.24 -1.75
C LYS B 230 9.66 8.79 -2.43
N ILE B 231 10.35 7.93 -3.17
CA ILE B 231 11.72 8.21 -3.53
C ILE B 231 12.01 8.61 -4.97
N CYS B 232 11.00 8.77 -5.82
CA CYS B 232 11.31 9.07 -7.23
C CYS B 232 10.97 10.47 -7.68
N GLU B 233 11.93 11.12 -8.33
CA GLU B 233 11.62 12.35 -9.06
C GLU B 233 10.32 12.08 -9.82
N LYS B 234 9.47 13.10 -9.96
CA LYS B 234 8.13 12.88 -10.48
C LYS B 234 8.10 12.17 -11.83
N THR B 235 8.65 12.80 -12.85
CA THR B 235 8.64 12.20 -14.17
C THR B 235 9.38 10.87 -14.19
N VAL B 236 10.23 10.65 -13.19
CA VAL B 236 10.84 9.33 -13.07
C VAL B 236 9.81 8.33 -12.60
N LEU B 237 9.06 8.69 -11.55
CA LEU B 237 8.07 7.81 -10.98
C LEU B 237 7.03 7.47 -12.03
N LYS B 238 6.79 8.41 -12.92
CA LYS B 238 5.75 8.27 -13.94
C LYS B 238 6.20 7.24 -15.01
N ARG B 239 7.31 7.52 -15.69
CA ARG B 239 7.97 6.53 -16.53
C ARG B 239 7.89 5.10 -15.94
N VAL B 240 8.32 4.96 -14.69
CA VAL B 240 8.40 3.68 -14.01
C VAL B 240 7.07 2.99 -13.99
N LEU B 241 6.05 3.67 -13.44
CA LEU B 241 4.70 3.12 -13.34
C LEU B 241 4.08 2.86 -14.70
N LYS B 242 4.14 3.82 -15.61
CA LYS B 242 3.62 3.55 -16.94
C LYS B 242 4.16 2.23 -17.42
N GLU B 243 5.44 1.96 -17.14
CA GLU B 243 6.10 0.71 -17.57
C GLU B 243 5.56 -0.49 -16.83
N LEU B 244 5.59 -0.40 -15.49
CA LEU B 244 5.05 -1.44 -14.61
C LEU B 244 3.57 -1.71 -14.84
N TRP B 245 2.89 -0.75 -15.45
CA TRP B 245 1.49 -0.95 -15.76
C TRP B 245 1.32 -1.78 -17.06
N LYS B 246 1.82 -1.32 -18.20
CA LYS B 246 1.93 -2.21 -19.38
C LYS B 246 2.35 -3.62 -18.93
N LEU B 247 3.45 -3.66 -18.19
CA LEU B 247 3.86 -4.86 -17.50
C LEU B 247 2.72 -5.60 -16.78
N VAL B 248 2.04 -4.94 -15.83
CA VAL B 248 0.90 -5.56 -15.08
C VAL B 248 -0.31 -5.97 -15.93
N MET B 249 -0.73 -5.13 -16.88
CA MET B 249 -1.86 -5.49 -17.75
C MET B 249 -1.56 -6.65 -18.71
N ASN B 250 -0.60 -6.44 -19.61
CA ASN B 250 -0.10 -7.51 -20.48
C ASN B 250 -0.04 -8.84 -19.76
N THR B 251 0.70 -8.88 -18.65
CA THR B 251 0.79 -10.09 -17.82
C THR B 251 -0.58 -10.71 -17.51
N MET B 252 -1.50 -9.95 -16.94
CA MET B 252 -2.82 -10.48 -16.60
C MET B 252 -3.47 -11.09 -17.85
N GLU B 253 -3.66 -10.27 -18.86
CA GLU B 253 -4.24 -10.74 -20.10
C GLU B 253 -3.65 -12.08 -20.53
N ARG B 254 -2.32 -12.15 -20.54
CA ARG B 254 -1.62 -13.34 -20.97
C ARG B 254 -1.80 -14.54 -20.03
N THR B 255 -1.69 -14.31 -18.72
CA THR B 255 -1.76 -15.38 -17.73
C THR B 255 -3.16 -15.96 -17.60
N ILE B 256 -4.15 -15.08 -17.76
CA ILE B 256 -5.51 -15.38 -17.33
C ILE B 256 -6.50 -15.33 -18.46
N VAL B 257 -6.69 -14.14 -19.02
CA VAL B 257 -7.82 -13.93 -19.91
C VAL B 257 -7.70 -14.57 -21.28
N LEU B 258 -6.49 -14.69 -21.80
CA LEU B 258 -6.29 -15.24 -23.14
C LEU B 258 -6.28 -16.77 -23.19
N PRO B 259 -6.52 -17.36 -24.38
CA PRO B 259 -6.43 -18.80 -24.63
C PRO B 259 -4.96 -19.21 -24.67
N PRO B 260 -4.65 -20.43 -24.22
CA PRO B 260 -3.25 -20.88 -24.08
C PRO B 260 -2.38 -20.68 -25.34
N GLU B 261 -2.88 -21.03 -26.53
CA GLU B 261 -2.09 -20.92 -27.76
C GLU B 261 -1.68 -19.48 -28.13
N PHE B 262 -2.37 -18.52 -27.55
CA PHE B 262 -2.07 -17.12 -27.81
C PHE B 262 -1.20 -16.53 -26.71
N SER B 263 -1.06 -17.28 -25.62
CA SER B 263 -0.23 -16.84 -24.51
C SER B 263 0.87 -17.84 -24.20
N LYS B 264 2.08 -17.31 -24.07
CA LYS B 264 3.24 -18.13 -23.82
C LYS B 264 3.30 -18.46 -22.34
N LEU B 265 2.35 -17.91 -21.57
CA LEU B 265 2.27 -18.14 -20.11
C LEU B 265 1.00 -18.88 -19.70
N LYS B 266 0.37 -19.56 -20.65
CA LYS B 266 -0.71 -20.48 -20.31
C LYS B 266 -0.18 -21.90 -20.50
N ASP B 267 -1.06 -22.89 -20.41
CA ASP B 267 -0.62 -24.27 -20.48
C ASP B 267 -1.14 -24.94 -21.74
N THR B 278 -14.76 -18.30 -18.78
CA THR B 278 -15.38 -17.87 -17.54
C THR B 278 -16.71 -17.18 -17.82
N PRO B 279 -17.52 -16.99 -16.77
CA PRO B 279 -18.84 -16.37 -16.88
C PRO B 279 -18.95 -15.07 -16.10
N LYS B 280 -18.79 -15.18 -14.78
CA LYS B 280 -19.02 -14.10 -13.85
C LYS B 280 -17.70 -13.80 -13.15
N GLN B 281 -16.73 -14.66 -13.40
CA GLN B 281 -15.39 -14.48 -12.87
C GLN B 281 -14.79 -13.27 -13.54
N CYS B 282 -15.35 -12.94 -14.70
CA CYS B 282 -14.93 -11.77 -15.46
C CYS B 282 -15.23 -10.54 -14.63
N ALA B 283 -16.44 -10.49 -14.12
CA ALA B 283 -16.88 -9.41 -13.26
C ALA B 283 -15.96 -9.27 -12.06
N VAL B 284 -15.49 -10.42 -11.56
CA VAL B 284 -14.56 -10.46 -10.44
C VAL B 284 -13.21 -9.94 -10.91
N VAL B 285 -12.94 -10.13 -12.19
CA VAL B 285 -11.72 -9.65 -12.82
C VAL B 285 -11.81 -8.16 -13.11
N GLU B 286 -12.89 -7.78 -13.81
CA GLU B 286 -13.00 -6.41 -14.30
C GLU B 286 -12.95 -5.45 -13.13
N LEU B 287 -13.63 -5.83 -12.04
CA LEU B 287 -13.58 -5.06 -10.79
C LEU B 287 -12.18 -5.01 -10.19
N ALA B 288 -11.54 -6.17 -10.05
CA ALA B 288 -10.18 -6.22 -9.53
C ALA B 288 -9.25 -5.29 -10.31
N LEU B 289 -9.63 -4.95 -11.54
CA LEU B 289 -8.90 -3.97 -12.35
C LEU B 289 -9.09 -2.55 -11.84
N ASP B 290 -10.37 -2.22 -11.60
CA ASP B 290 -10.75 -0.94 -11.02
C ASP B 290 -9.90 -0.64 -9.79
N THR B 291 -9.72 -1.65 -8.93
CA THR B 291 -8.77 -1.52 -7.84
C THR B 291 -7.31 -1.33 -8.28
N ILE B 292 -6.90 -1.96 -9.39
CA ILE B 292 -5.54 -1.79 -9.86
C ILE B 292 -5.31 -0.34 -10.30
N LYS B 293 -6.18 0.15 -11.18
CA LYS B 293 -6.06 1.52 -11.65
C LYS B 293 -5.98 2.45 -10.44
N GLN B 294 -6.65 2.06 -9.35
CA GLN B 294 -6.59 2.84 -8.10
C GLN B 294 -5.18 2.92 -7.51
N TYR B 295 -4.62 1.78 -7.12
CA TYR B 295 -3.26 1.78 -6.61
C TYR B 295 -2.19 2.42 -7.54
N PHE B 296 -2.44 2.45 -8.85
CA PHE B 296 -1.51 3.05 -9.82
C PHE B 296 -1.69 4.57 -9.88
N HIS B 297 -2.93 4.98 -9.56
CA HIS B 297 -3.33 6.37 -9.56
C HIS B 297 -2.68 7.07 -8.39
N ALA B 298 -2.55 6.34 -7.27
CA ALA B 298 -1.94 6.88 -6.07
C ALA B 298 -2.61 8.14 -5.56
N GLY B 299 -3.82 8.41 -6.03
CA GLY B 299 -4.53 9.61 -5.65
C GLY B 299 -3.86 10.89 -6.12
N GLY B 300 -3.61 11.00 -7.41
CA GLY B 300 -3.11 12.25 -7.99
C GLY B 300 -1.60 12.41 -7.99
N VAL B 301 -0.89 11.52 -7.31
CA VAL B 301 0.55 11.53 -7.41
C VAL B 301 1.02 10.50 -8.44
N GLY B 302 0.12 9.59 -8.84
CA GLY B 302 0.51 8.46 -9.66
C GLY B 302 0.27 8.72 -11.13
N LEU B 303 -0.41 7.77 -11.80
CA LEU B 303 -0.87 7.97 -13.18
C LEU B 303 -2.27 8.59 -13.26
N LYS B 304 -2.43 9.52 -14.20
CA LYS B 304 -3.71 10.17 -14.42
C LYS B 304 -4.73 9.12 -14.81
N LYS B 305 -5.96 9.27 -14.33
CA LYS B 305 -7.05 8.33 -14.62
C LYS B 305 -7.43 8.39 -16.09
N THR B 306 -7.19 9.54 -16.71
CA THR B 306 -7.43 9.69 -18.15
C THR B 306 -6.53 8.76 -18.93
N PHE B 307 -5.25 8.71 -18.55
CA PHE B 307 -4.29 7.86 -19.23
C PHE B 307 -4.65 6.39 -19.10
N LEU B 308 -4.83 5.95 -17.87
CA LEU B 308 -5.17 4.56 -17.58
C LEU B 308 -6.32 4.06 -18.44
N GLU B 309 -7.34 4.89 -18.61
CA GLU B 309 -8.53 4.51 -19.37
C GLU B 309 -8.23 4.33 -20.86
N LYS B 310 -7.59 5.32 -21.46
CA LYS B 310 -7.30 5.28 -22.89
C LYS B 310 -6.12 4.34 -23.23
N SER B 311 -5.64 3.62 -22.22
CA SER B 311 -4.44 2.76 -22.31
C SER B 311 -4.56 1.68 -23.34
N PRO B 312 -3.57 1.58 -24.24
CA PRO B 312 -3.69 0.59 -25.31
C PRO B 312 -3.56 -0.79 -24.70
N ASP B 313 -2.86 -0.88 -23.56
CA ASP B 313 -2.65 -2.16 -22.89
C ASP B 313 -3.88 -2.71 -22.15
N LEU B 314 -4.60 -1.82 -21.47
CA LEU B 314 -5.84 -2.20 -20.80
C LEU B 314 -6.97 -2.31 -21.79
N GLN B 315 -6.87 -1.53 -22.86
CA GLN B 315 -7.83 -1.64 -23.96
C GLN B 315 -7.86 -3.10 -24.37
N SER B 316 -6.69 -3.66 -24.64
CA SER B 316 -6.58 -5.03 -25.10
C SER B 316 -7.13 -6.04 -24.08
N LEU B 317 -6.58 -6.00 -22.87
CA LEU B 317 -7.05 -6.84 -21.78
C LEU B 317 -8.57 -6.96 -21.79
N ARG B 318 -9.24 -5.82 -21.97
CA ARG B 318 -10.70 -5.80 -21.97
C ARG B 318 -11.32 -6.44 -23.22
N TYR B 319 -10.58 -6.36 -24.32
CA TYR B 319 -10.99 -6.99 -25.56
C TYR B 319 -10.94 -8.49 -25.37
N ALA B 320 -9.90 -8.94 -24.66
CA ALA B 320 -9.73 -10.35 -24.34
C ALA B 320 -10.81 -10.82 -23.38
N LEU B 321 -11.04 -10.07 -22.32
CA LEU B 321 -12.10 -10.40 -21.37
C LEU B 321 -13.43 -10.61 -22.09
N SER B 322 -13.67 -9.81 -23.13
CA SER B 322 -14.96 -9.78 -23.79
C SER B 322 -15.18 -11.02 -24.65
N LEU B 323 -14.09 -11.44 -25.32
CA LEU B 323 -14.12 -12.56 -26.25
C LEU B 323 -13.95 -13.89 -25.54
N TYR B 324 -13.79 -13.85 -24.23
CA TYR B 324 -13.60 -15.10 -23.48
C TYR B 324 -14.46 -15.21 -22.21
N THR B 325 -15.65 -14.61 -22.28
CA THR B 325 -16.73 -14.91 -21.34
C THR B 325 -17.58 -15.99 -22.02
N GLN B 326 -18.66 -16.39 -21.34
CA GLN B 326 -19.54 -17.41 -21.90
C GLN B 326 -20.97 -17.28 -21.40
#